data_4FCH
#
_entry.id   4FCH
#
_cell.length_a   58.735
_cell.length_b   63.914
_cell.length_c   156.828
_cell.angle_alpha   90.00
_cell.angle_beta   90.00
_cell.angle_gamma   90.00
#
_symmetry.space_group_name_H-M   'P 21 21 21'
#
loop_
_entity.id
_entity.type
_entity.pdbx_description
1 polymer 'Outer membrane protein SusE'
2 branched alpha-D-glucopyranose-(1-4)-alpha-D-glucopyranose-(1-4)-alpha-D-glucopyranose-(1-4)-alpha-D-glucopyranose-(1-4)-alpha-D-glucopyranose-(1-4)-alpha-D-glucopyranose-(1-4)-alpha-D-glucopyranose
3 non-polymer 'SULFATE ION'
4 non-polymer 1,2-ETHANEDIOL
5 water water
#
_entity_poly.entity_id   1
_entity_poly.type   'polypeptide(L)'
_entity_poly.pdbx_seq_one_letter_code
;GHMASTSSLTPPKTMFIVGSMLDTDWKVWKPMAGVYGMDGQFYSMIYFDANSEFKFGTKENEYIGINDNRVTVTDKAGAG
VSGSDNFVVENAGWYLFYVKAAVKGDDYQFTITFYPAEVYLFGNTTGGSWAFNDEWKFTVPATKDGNFVSPAMTASGEVR
MCFKTDLDWWRTEFTLHDGEIFYRDFNLIDSWTEKGDGYSIQGSAGNVIHLNFTAGTGEKK
;
_entity_poly.pdbx_strand_id   A,B
#
# COMPACT_ATOMS: atom_id res chain seq x y z
N LEU A 9 -34.53 1.70 3.82
CA LEU A 9 -33.25 1.02 4.22
C LEU A 9 -32.11 2.03 4.25
N THR A 10 -31.39 2.06 5.37
CA THR A 10 -30.25 2.96 5.48
C THR A 10 -29.00 2.12 5.75
N PRO A 11 -27.81 2.74 5.65
CA PRO A 11 -26.64 1.88 5.89
C PRO A 11 -26.58 1.28 7.30
N PRO A 12 -25.96 0.09 7.46
CA PRO A 12 -25.92 -0.55 8.77
C PRO A 12 -25.15 0.28 9.80
N LYS A 13 -25.60 0.18 11.03
CA LYS A 13 -24.97 0.92 12.12
C LYS A 13 -23.87 0.12 12.82
N THR A 14 -23.89 -1.21 12.61
CA THR A 14 -22.88 -2.05 13.20
C THR A 14 -22.31 -3.00 12.16
N MET A 15 -21.13 -3.55 12.44
CA MET A 15 -20.53 -4.58 11.58
C MET A 15 -19.62 -5.42 12.44
N PHE A 16 -19.57 -6.72 12.13
CA PHE A 16 -18.82 -7.71 12.89
C PHE A 16 -18.07 -8.61 11.95
N ILE A 17 -16.95 -9.14 12.42
CA ILE A 17 -16.21 -10.18 11.70
C ILE A 17 -16.09 -11.38 12.63
N VAL A 18 -16.20 -12.58 12.06
CA VAL A 18 -16.10 -13.82 12.84
C VAL A 18 -15.22 -14.79 12.06
N GLY A 19 -14.43 -15.61 12.72
CA GLY A 19 -13.61 -16.54 11.94
C GLY A 19 -12.44 -17.14 12.71
N SER A 20 -11.69 -17.99 12.02
CA SER A 20 -10.71 -18.87 12.65
C SER A 20 -9.59 -18.11 13.30
N MET A 21 -9.25 -16.96 12.73
CA MET A 21 -8.12 -16.16 13.24
C MET A 21 -8.48 -15.47 14.55
N LEU A 22 -9.77 -15.29 14.85
CA LEU A 22 -10.21 -14.75 16.13
C LEU A 22 -10.45 -15.81 17.16
N ASP A 23 -10.90 -16.97 16.76
CA ASP A 23 -11.24 -18.07 17.67
C ASP A 23 -11.37 -19.32 16.84
N THR A 24 -10.73 -20.41 17.23
CA THR A 24 -10.79 -21.57 16.35
CA THR A 24 -10.78 -21.66 16.48
C THR A 24 -12.20 -22.16 16.24
N ASP A 25 -13.10 -21.90 17.19
CA ASP A 25 -14.48 -22.40 17.08
C ASP A 25 -15.46 -21.28 16.71
N TRP A 26 -14.94 -20.23 16.10
CA TRP A 26 -15.76 -19.14 15.56
C TRP A 26 -16.67 -18.56 16.66
N LYS A 27 -16.21 -18.53 17.91
CA LYS A 27 -17.11 -18.03 18.96
C LYS A 27 -17.03 -16.50 19.14
N VAL A 28 -15.98 -15.88 18.62
CA VAL A 28 -15.74 -14.46 18.80
C VAL A 28 -16.28 -13.65 17.61
N TRP A 29 -17.25 -12.77 17.86
CA TRP A 29 -17.77 -11.86 16.83
C TRP A 29 -17.19 -10.52 17.21
N LYS A 30 -16.18 -10.10 16.46
CA LYS A 30 -15.45 -8.90 16.82
C LYS A 30 -16.21 -7.72 16.23
N PRO A 31 -16.56 -6.71 17.05
CA PRO A 31 -17.20 -5.51 16.49
C PRO A 31 -16.22 -4.58 15.82
N MET A 32 -16.59 -4.04 14.66
CA MET A 32 -15.71 -3.13 13.95
C MET A 32 -15.97 -1.68 14.37
N ALA A 33 -14.92 -0.86 14.31
CA ALA A 33 -15.10 0.59 14.57
C ALA A 33 -15.73 1.29 13.37
N GLY A 34 -16.61 2.24 13.63
CA GLY A 34 -17.18 3.03 12.54
C GLY A 34 -16.18 4.08 12.07
N VAL A 35 -16.03 4.26 10.79
CA VAL A 35 -15.25 5.33 10.19
C VAL A 35 -15.95 6.63 10.48
N TYR A 36 -15.22 7.63 10.99
CA TYR A 36 -15.90 8.84 11.45
C TYR A 36 -16.51 9.58 10.29
N GLY A 37 -17.81 9.84 10.43
CA GLY A 37 -18.52 10.67 9.46
C GLY A 37 -18.97 9.94 8.19
N MET A 38 -18.68 8.64 8.07
CA MET A 38 -18.98 7.90 6.84
C MET A 38 -19.92 6.73 7.21
N ASP A 39 -21.21 7.01 7.11
CA ASP A 39 -22.19 6.02 7.51
C ASP A 39 -22.01 4.72 6.74
N GLY A 40 -22.10 3.62 7.47
CA GLY A 40 -22.00 2.28 6.87
C GLY A 40 -20.58 1.87 6.56
N GLN A 41 -19.53 2.60 7.00
CA GLN A 41 -18.15 2.19 6.75
C GLN A 41 -17.48 1.89 8.07
N PHE A 42 -16.67 0.85 8.07
CA PHE A 42 -16.12 0.27 9.30
C PHE A 42 -14.71 -0.22 9.06
N TYR A 43 -13.91 -0.31 10.12
CA TYR A 43 -12.50 -0.75 10.03
C TYR A 43 -12.11 -1.52 11.28
N SER A 44 -11.17 -2.46 11.10
CA SER A 44 -10.61 -3.17 12.27
CA SER A 44 -10.63 -3.18 12.26
C SER A 44 -9.23 -3.69 11.93
N MET A 45 -8.30 -3.53 12.86
CA MET A 45 -6.92 -4.08 12.70
C MET A 45 -6.86 -5.49 13.28
N ILE A 46 -6.57 -6.46 12.43
CA ILE A 46 -6.68 -7.88 12.78
C ILE A 46 -5.50 -8.65 12.22
N TYR A 47 -5.04 -9.62 13.03
CA TYR A 47 -4.03 -10.54 12.53
C TYR A 47 -4.71 -11.75 11.91
N PHE A 48 -4.35 -12.01 10.66
CA PHE A 48 -4.80 -13.19 9.92
C PHE A 48 -3.71 -14.20 9.82
N ASP A 49 -3.91 -15.38 10.39
CA ASP A 49 -3.00 -16.48 10.12
C ASP A 49 -3.07 -16.86 8.63
N ALA A 50 -2.02 -17.53 8.18
CA ALA A 50 -2.08 -18.10 6.84
C ALA A 50 -3.27 -19.04 6.75
N ASN A 51 -4.01 -18.95 5.66
CA ASN A 51 -5.20 -19.79 5.42
C ASN A 51 -6.31 -19.52 6.43
N SER A 52 -6.37 -18.34 7.04
CA SER A 52 -7.51 -17.97 7.90
C SER A 52 -8.78 -18.06 7.11
N GLU A 53 -9.88 -18.37 7.79
CA GLU A 53 -11.21 -18.40 7.15
C GLU A 53 -12.18 -17.61 7.99
N PHE A 54 -12.99 -16.79 7.33
CA PHE A 54 -13.86 -15.88 8.08
C PHE A 54 -15.12 -15.54 7.27
N LYS A 55 -16.08 -14.94 7.99
CA LYS A 55 -17.24 -14.30 7.35
C LYS A 55 -17.44 -12.99 8.11
N PHE A 56 -18.43 -12.21 7.67
CA PHE A 56 -18.74 -10.95 8.39
C PHE A 56 -20.25 -10.77 8.37
N GLY A 57 -20.77 -9.87 9.22
CA GLY A 57 -22.19 -9.62 9.22
C GLY A 57 -22.49 -8.25 9.81
N THR A 58 -23.73 -7.78 9.56
CA THR A 58 -24.15 -6.47 10.07
C THR A 58 -24.60 -6.60 11.53
N LYS A 59 -24.79 -7.83 12.00
CA LYS A 59 -25.21 -8.06 13.39
C LYS A 59 -24.64 -9.40 13.78
N GLU A 60 -24.55 -9.66 15.07
CA GLU A 60 -24.03 -10.95 15.52
C GLU A 60 -24.96 -12.05 15.03
N ASN A 61 -24.35 -13.17 14.62
CA ASN A 61 -24.99 -14.40 14.13
C ASN A 61 -25.48 -14.27 12.70
N GLU A 62 -25.18 -13.16 12.05
CA GLU A 62 -25.47 -13.03 10.60
C GLU A 62 -24.19 -13.34 9.86
N TYR A 63 -24.25 -14.32 8.96
CA TYR A 63 -23.09 -14.76 8.19
C TYR A 63 -23.24 -14.29 6.75
N ILE A 64 -22.22 -13.55 6.30
CA ILE A 64 -22.10 -13.14 4.88
C ILE A 64 -20.74 -13.65 4.42
N GLY A 65 -20.78 -14.45 3.36
CA GLY A 65 -19.56 -14.99 2.79
C GLY A 65 -19.18 -14.41 1.43
N ILE A 66 -18.08 -14.94 0.91
CA ILE A 66 -17.49 -14.40 -0.31
C ILE A 66 -18.35 -14.74 -1.53
N ASN A 67 -19.25 -15.72 -1.44
CA ASN A 67 -20.15 -16.07 -2.51
C ASN A 67 -21.29 -15.07 -2.67
N ASP A 68 -21.53 -14.26 -1.64
CA ASP A 68 -22.72 -13.41 -1.68
C ASP A 68 -22.61 -12.44 -2.87
N ASN A 69 -23.66 -12.32 -3.66
CA ASN A 69 -23.56 -11.48 -4.84
C ASN A 69 -23.58 -9.99 -4.53
N ARG A 70 -23.76 -9.62 -3.27
CA ARG A 70 -23.65 -8.22 -2.85
C ARG A 70 -22.25 -7.82 -2.49
N VAL A 71 -21.31 -8.77 -2.45
CA VAL A 71 -19.96 -8.53 -1.99
C VAL A 71 -18.95 -8.38 -3.12
N THR A 72 -18.05 -7.40 -3.02
CA THR A 72 -16.86 -7.23 -3.85
CA THR A 72 -16.85 -7.44 -3.82
C THR A 72 -15.68 -7.16 -2.90
N VAL A 73 -14.53 -7.71 -3.29
CA VAL A 73 -13.32 -7.70 -2.48
C VAL A 73 -12.27 -6.93 -3.27
N THR A 74 -11.62 -6.00 -2.58
CA THR A 74 -10.47 -5.26 -3.13
C THR A 74 -9.26 -5.52 -2.24
N ASP A 75 -8.16 -6.01 -2.82
CA ASP A 75 -6.96 -6.31 -2.02
C ASP A 75 -5.91 -5.21 -2.35
N LYS A 76 -5.65 -4.42 -1.30
CA LYS A 76 -4.63 -3.36 -1.40
C LYS A 76 -3.52 -3.71 -0.43
N ALA A 77 -3.33 -4.98 -0.06
CA ALA A 77 -2.39 -5.34 0.99
C ALA A 77 -1.62 -6.62 0.66
N GLY A 78 -1.86 -7.26 -0.47
CA GLY A 78 -1.23 -8.54 -0.73
C GLY A 78 -1.73 -9.61 0.25
N ALA A 79 -2.97 -9.53 0.70
CA ALA A 79 -3.50 -10.53 1.65
C ALA A 79 -3.72 -11.85 0.94
N GLY A 80 -4.21 -11.84 -0.29
CA GLY A 80 -4.54 -13.04 -1.08
C GLY A 80 -5.89 -13.59 -0.65
N VAL A 81 -6.98 -13.12 -1.23
CA VAL A 81 -8.32 -13.43 -0.69
C VAL A 81 -9.11 -14.22 -1.72
N SER A 82 -9.52 -15.42 -1.37
CA SER A 82 -10.24 -16.32 -2.27
C SER A 82 -11.31 -17.04 -1.44
N GLY A 83 -12.00 -17.99 -2.04
CA GLY A 83 -12.87 -18.89 -1.28
C GLY A 83 -14.13 -19.21 -2.04
N SER A 84 -14.79 -20.24 -1.53
CA SER A 84 -16.07 -20.69 -2.03
C SER A 84 -17.16 -20.18 -1.12
N ASP A 85 -17.08 -20.44 0.18
CA ASP A 85 -18.09 -19.98 1.12
C ASP A 85 -17.46 -18.95 2.05
N ASN A 86 -16.45 -19.36 2.80
CA ASN A 86 -15.69 -18.46 3.66
C ASN A 86 -14.69 -17.64 2.84
N PHE A 87 -14.48 -16.41 3.28
CA PHE A 87 -13.30 -15.68 2.80
C PHE A 87 -12.09 -16.44 3.32
N VAL A 88 -11.07 -16.61 2.49
CA VAL A 88 -9.83 -17.29 2.88
C VAL A 88 -8.67 -16.34 2.60
N VAL A 89 -7.84 -16.09 3.61
CA VAL A 89 -6.69 -15.18 3.47
C VAL A 89 -5.43 -15.99 3.40
N GLU A 90 -4.71 -15.95 2.27
CA GLU A 90 -3.58 -16.81 2.08
C GLU A 90 -2.33 -16.40 2.85
N ASN A 91 -2.00 -15.11 2.88
CA ASN A 91 -0.71 -14.66 3.39
C ASN A 91 -0.87 -14.17 4.82
N ALA A 92 -0.19 -14.80 5.75
CA ALA A 92 -0.27 -14.38 7.17
C ALA A 92 0.12 -12.91 7.30
N GLY A 93 -0.55 -12.20 8.18
CA GLY A 93 -0.14 -10.82 8.43
C GLY A 93 -1.17 -10.08 9.20
N TRP A 94 -0.80 -8.87 9.62
CA TRP A 94 -1.71 -7.86 10.11
C TRP A 94 -2.30 -7.15 8.91
N TYR A 95 -3.62 -6.99 8.93
CA TYR A 95 -4.29 -6.21 7.88
C TYR A 95 -5.35 -5.33 8.52
N LEU A 96 -5.56 -4.17 7.92
CA LEU A 96 -6.73 -3.36 8.26
C LEU A 96 -7.88 -3.89 7.40
N PHE A 97 -8.84 -4.55 8.03
CA PHE A 97 -10.03 -5.06 7.36
C PHE A 97 -11.06 -3.93 7.28
N TYR A 98 -11.55 -3.58 6.11
CA TYR A 98 -12.37 -2.39 5.93
C TYR A 98 -13.62 -2.79 5.17
N VAL A 99 -14.77 -2.40 5.68
CA VAL A 99 -16.06 -2.72 5.04
C VAL A 99 -16.80 -1.43 4.74
N LYS A 100 -17.22 -1.26 3.50
CA LYS A 100 -18.20 -0.24 3.15
C LYS A 100 -19.51 -0.93 2.80
N ALA A 101 -20.58 -0.59 3.51
CA ALA A 101 -21.92 -1.14 3.28
C ALA A 101 -22.80 0.02 2.82
N ALA A 102 -23.09 0.06 1.52
CA ALA A 102 -23.94 1.10 0.95
C ALA A 102 -25.33 0.52 0.70
N VAL A 103 -26.31 1.39 0.48
CA VAL A 103 -27.64 0.91 0.09
C VAL A 103 -27.82 1.09 -1.41
N LYS A 104 -28.29 0.03 -2.04
CA LYS A 104 -28.49 -0.01 -3.47
C LYS A 104 -29.90 -0.56 -3.66
N GLY A 105 -30.86 0.34 -3.79
CA GLY A 105 -32.28 -0.04 -3.93
C GLY A 105 -32.78 -0.48 -2.57
N ASP A 106 -33.22 -1.73 -2.47
CA ASP A 106 -33.69 -2.26 -1.18
C ASP A 106 -32.70 -3.29 -0.64
N ASP A 107 -31.44 -3.17 -1.03
CA ASP A 107 -30.48 -4.09 -0.43
C ASP A 107 -29.15 -3.41 -0.19
N TYR A 108 -28.30 -4.07 0.59
CA TYR A 108 -26.93 -3.60 0.75
C TYR A 108 -26.00 -3.97 -0.42
N GLN A 109 -24.99 -3.14 -0.63
CA GLN A 109 -23.87 -3.47 -1.51
C GLN A 109 -22.62 -3.30 -0.68
N PHE A 110 -21.84 -4.38 -0.54
CA PHE A 110 -20.69 -4.41 0.35
C PHE A 110 -19.39 -4.40 -0.45
N THR A 111 -18.50 -3.49 -0.10
CA THR A 111 -17.16 -3.47 -0.68
C THR A 111 -16.20 -3.78 0.47
N ILE A 112 -15.48 -4.88 0.46
CA ILE A 112 -14.53 -5.29 1.46
C ILE A 112 -13.14 -4.94 0.94
N THR A 113 -12.36 -4.15 1.69
CA THR A 113 -10.99 -3.84 1.31
C THR A 113 -10.00 -4.30 2.35
N PHE A 114 -8.91 -4.94 1.93
CA PHE A 114 -7.79 -5.21 2.82
C PHE A 114 -6.73 -4.16 2.58
N TYR A 115 -6.48 -3.38 3.64
CA TYR A 115 -5.40 -2.40 3.61
C TYR A 115 -4.19 -2.95 4.38
N PRO A 116 -2.99 -2.48 4.02
CA PRO A 116 -1.83 -2.90 4.83
C PRO A 116 -1.83 -2.28 6.21
N ALA A 117 -1.09 -2.87 7.13
CA ALA A 117 -1.09 -2.45 8.54
C ALA A 117 -0.16 -1.26 8.69
N GLU A 118 -0.71 -0.07 8.50
CA GLU A 118 0.12 1.17 8.49
C GLU A 118 -0.44 2.11 9.53
N VAL A 119 0.22 2.13 10.68
CA VAL A 119 -0.23 2.95 11.83
C VAL A 119 0.80 4.06 12.03
N TYR A 120 0.33 5.28 12.30
CA TYR A 120 1.21 6.45 12.35
C TYR A 120 0.96 7.28 13.59
N LEU A 121 2.04 7.90 14.08
CA LEU A 121 1.93 9.05 14.97
C LEU A 121 1.81 10.30 14.14
N PHE A 122 0.90 11.18 14.52
CA PHE A 122 0.65 12.49 13.91
C PHE A 122 0.70 13.51 15.03
N GLY A 123 1.07 14.72 14.67
CA GLY A 123 0.80 15.86 15.55
C GLY A 123 2.01 16.44 16.21
N ASN A 124 1.73 17.17 17.29
CA ASN A 124 2.82 17.90 17.91
C ASN A 124 3.95 17.08 18.54
N THR A 125 3.66 15.83 18.93
CA THR A 125 4.72 15.02 19.54
C THR A 125 5.76 14.62 18.48
N THR A 126 5.42 14.73 17.19
CA THR A 126 6.34 14.39 16.11
C THR A 126 7.05 15.63 15.62
N GLY A 127 6.86 16.78 16.26
CA GLY A 127 7.42 18.04 15.75
C GLY A 127 6.53 18.65 14.69
N GLY A 128 5.31 18.20 14.53
CA GLY A 128 4.31 18.84 13.67
C GLY A 128 4.02 18.08 12.40
N SER A 129 4.27 16.77 12.32
CA SER A 129 3.86 16.00 11.15
C SER A 129 2.37 15.77 11.16
N TRP A 130 1.69 16.23 10.12
CA TRP A 130 0.28 15.94 9.91
C TRP A 130 0.08 15.26 8.56
N ALA A 131 1.07 14.49 8.17
CA ALA A 131 1.16 13.77 6.88
C ALA A 131 1.56 12.36 7.07
N PHE A 132 1.20 11.48 6.12
CA PHE A 132 1.72 10.14 6.15
C PHE A 132 3.19 10.13 5.75
N ASN A 133 4.04 9.91 6.76
CA ASN A 133 5.49 9.98 6.62
C ASN A 133 6.02 8.72 7.28
N ASP A 134 6.72 7.83 6.60
CA ASP A 134 7.15 6.58 7.18
C ASP A 134 8.15 6.83 8.34
N GLU A 135 8.69 8.03 8.51
CA GLU A 135 9.47 8.31 9.74
C GLU A 135 8.62 8.14 10.98
N TRP A 136 7.30 8.23 10.84
CA TRP A 136 6.37 8.20 11.97
C TRP A 136 5.49 6.99 11.94
N LYS A 137 5.83 6.02 11.11
CA LYS A 137 5.09 4.77 11.03
C LYS A 137 5.49 3.83 12.16
N PHE A 138 4.53 3.14 12.77
CA PHE A 138 4.85 2.14 13.79
C PHE A 138 5.47 0.90 13.19
N THR A 139 6.36 0.26 13.93
CA THR A 139 6.89 -1.07 13.57
C THR A 139 5.81 -2.11 13.79
N VAL A 140 5.66 -3.06 12.86
CA VAL A 140 4.60 -4.03 12.85
C VAL A 140 5.15 -5.32 13.45
N PRO A 141 4.42 -5.96 14.36
CA PRO A 141 4.90 -7.25 14.95
C PRO A 141 4.63 -8.44 14.03
N ALA A 142 5.31 -9.54 14.29
CA ALA A 142 5.24 -10.72 13.46
C ALA A 142 4.07 -11.60 13.84
N THR A 143 3.49 -11.40 15.01
CA THR A 143 2.53 -12.32 15.56
C THR A 143 1.23 -11.66 15.99
N LYS A 144 0.23 -12.49 16.23
CA LYS A 144 -1.06 -12.07 16.65
C LYS A 144 -1.04 -11.36 18.03
N ASP A 145 -0.15 -11.81 18.91
CA ASP A 145 -0.13 -11.23 20.27
C ASP A 145 0.96 -10.17 20.44
N GLY A 146 1.57 -9.75 19.34
CA GLY A 146 2.66 -8.79 19.40
C GLY A 146 2.16 -7.34 19.51
N ASN A 147 3.13 -6.44 19.69
CA ASN A 147 2.90 -5.00 19.79
C ASN A 147 3.35 -4.21 18.59
N PHE A 148 2.50 -3.30 18.13
CA PHE A 148 2.99 -2.23 17.24
C PHE A 148 3.74 -1.24 18.10
N VAL A 149 4.91 -0.78 17.63
CA VAL A 149 5.77 0.11 18.43
C VAL A 149 6.02 1.41 17.68
N SER A 150 5.75 2.54 18.29
CA SER A 150 5.98 3.80 17.58
C SER A 150 7.43 4.20 17.60
N PRO A 151 7.88 5.07 16.67
CA PRO A 151 9.15 5.76 16.88
C PRO A 151 9.04 6.62 18.15
N ALA A 152 10.20 7.03 18.64
CA ALA A 152 10.22 7.92 19.79
C ALA A 152 9.73 9.32 19.40
N MET A 153 8.91 9.89 20.28
CA MET A 153 8.46 11.27 20.08
C MET A 153 9.63 12.23 20.14
N THR A 154 9.48 13.37 19.47
CA THR A 154 10.56 14.37 19.50
C THR A 154 10.15 15.68 20.13
N ALA A 155 8.91 15.82 20.59
CA ALA A 155 8.45 17.03 21.25
C ALA A 155 7.26 16.71 22.13
N SER A 156 6.82 17.68 22.90
CA SER A 156 5.66 17.57 23.78
CA SER A 156 5.65 17.42 23.72
C SER A 156 4.35 17.88 23.07
N GLY A 157 3.27 17.31 23.56
CA GLY A 157 1.93 17.72 23.09
C GLY A 157 1.04 16.51 23.12
N GLU A 158 -0.14 16.69 22.56
CA GLU A 158 -1.12 15.61 22.53
C GLU A 158 -0.81 14.58 21.45
N VAL A 159 -0.79 13.31 21.78
CA VAL A 159 -0.62 12.25 20.78
C VAL A 159 -1.83 12.19 19.88
N ARG A 160 -1.62 12.05 18.56
CA ARG A 160 -2.66 11.61 17.60
C ARG A 160 -2.12 10.39 16.89
N MET A 161 -2.98 9.41 16.65
CA MET A 161 -2.59 8.16 16.00
C MET A 161 -3.68 7.75 15.04
N CYS A 162 -3.26 7.12 13.95
CA CYS A 162 -4.27 6.75 12.94
C CYS A 162 -3.76 5.60 12.09
N PHE A 163 -4.72 4.99 11.41
CA PHE A 163 -4.43 4.11 10.26
C PHE A 163 -4.48 4.85 8.97
N LYS A 164 -3.70 4.41 7.98
CA LYS A 164 -3.75 4.95 6.62
C LYS A 164 -4.78 4.20 5.79
N THR A 165 -5.67 4.94 5.15
CA THR A 165 -6.65 4.40 4.19
C THR A 165 -6.64 5.34 2.98
N ASP A 166 -7.67 5.22 2.15
CA ASP A 166 -7.84 6.18 1.07
C ASP A 166 -8.47 7.52 1.48
N LEU A 167 -9.01 7.52 2.71
CA LEU A 167 -9.72 8.71 3.21
C LEU A 167 -8.79 9.63 3.98
N ASP A 168 -9.32 10.77 4.39
CA ASP A 168 -8.54 11.62 5.31
C ASP A 168 -8.15 10.83 6.57
N TRP A 169 -6.95 11.12 7.04
CA TRP A 169 -6.35 10.36 8.16
C TRP A 169 -7.25 10.27 9.37
N TRP A 170 -7.92 11.39 9.67
CA TRP A 170 -8.64 11.51 10.95
C TRP A 170 -9.99 10.82 10.90
N ARG A 171 -10.34 10.22 9.75
CA ARG A 171 -11.55 9.37 9.69
C ARG A 171 -11.29 8.01 10.33
N THR A 172 -10.02 7.66 10.52
CA THR A 172 -9.67 6.40 11.18
C THR A 172 -8.57 6.61 12.21
N GLU A 173 -8.88 7.44 13.22
CA GLU A 173 -7.92 7.76 14.30
C GLU A 173 -8.41 7.26 15.67
N PHE A 174 -7.46 7.19 16.58
CA PHE A 174 -7.76 6.55 17.88
C PHE A 174 -6.80 7.09 18.94
N THR A 175 -7.10 6.71 20.17
CA THR A 175 -6.31 7.13 21.33
C THR A 175 -6.27 5.99 22.34
N LEU A 176 -5.72 6.27 23.52
CA LEU A 176 -5.82 5.37 24.66
C LEU A 176 -6.66 6.02 25.74
N HIS A 177 -7.42 5.21 26.44
CA HIS A 177 -8.22 5.68 27.57
C HIS A 177 -8.08 4.60 28.64
N ASP A 178 -7.39 4.92 29.74
CA ASP A 178 -7.10 3.94 30.80
C ASP A 178 -6.60 2.61 30.25
N GLY A 179 -5.66 2.79 29.34
CA GLY A 179 -4.91 1.63 28.85
C GLY A 179 -5.65 0.84 27.80
N GLU A 180 -6.83 1.30 27.34
CA GLU A 180 -7.58 0.66 26.26
C GLU A 180 -7.57 1.48 24.99
N ILE A 181 -7.47 0.84 23.86
CA ILE A 181 -7.55 1.56 22.57
C ILE A 181 -8.98 2.03 22.35
N PHE A 182 -9.16 3.32 22.06
CA PHE A 182 -10.47 3.92 21.89
C PHE A 182 -10.52 4.57 20.52
N TYR A 183 -11.46 4.17 19.65
CA TYR A 183 -11.55 4.69 18.30
C TYR A 183 -12.48 5.89 18.26
N ARG A 184 -12.05 6.92 17.55
CA ARG A 184 -12.78 8.18 17.51
C ARG A 184 -14.23 7.93 17.06
N ASP A 185 -15.15 8.56 17.79
CA ASP A 185 -16.57 8.38 17.53
C ASP A 185 -17.34 9.66 17.61
N PHE A 186 -16.67 10.80 17.45
CA PHE A 186 -17.31 12.13 17.55
C PHE A 186 -16.53 13.10 16.64
N ASN A 187 -17.07 14.29 16.47
CA ASN A 187 -16.45 15.35 15.64
C ASN A 187 -15.36 16.06 16.43
N LEU A 188 -14.19 15.44 16.51
CA LEU A 188 -13.02 15.92 17.20
C LEU A 188 -12.45 17.04 16.32
N ILE A 189 -12.42 18.27 16.80
CA ILE A 189 -11.95 19.40 15.97
C ILE A 189 -10.44 19.54 16.13
N ASP A 190 -9.99 19.82 17.37
CA ASP A 190 -8.61 20.12 17.72
C ASP A 190 -8.01 19.09 18.66
N SER A 191 -8.76 18.67 19.68
CA SER A 191 -8.16 17.87 20.75
C SER A 191 -9.12 16.79 21.25
N TRP A 192 -8.55 15.67 21.66
CA TRP A 192 -9.26 14.64 22.46
C TRP A 192 -9.87 15.14 23.77
N THR A 193 -9.40 16.26 24.29
CA THR A 193 -9.95 16.80 25.52
C THR A 193 -11.39 17.29 25.28
N GLU A 194 -11.82 17.46 24.02
CA GLU A 194 -13.23 17.79 23.74
C GLU A 194 -14.17 16.63 24.14
N LYS A 195 -13.67 15.41 24.24
CA LYS A 195 -14.40 14.28 24.83
C LYS A 195 -14.06 14.24 26.31
N GLY A 196 -12.79 14.17 26.67
CA GLY A 196 -12.38 14.27 28.08
C GLY A 196 -10.87 14.21 28.19
N ASP A 197 -10.40 14.69 29.33
CA ASP A 197 -8.96 14.72 29.55
C ASP A 197 -8.35 13.34 29.56
N GLY A 198 -9.10 12.30 29.97
CA GLY A 198 -8.52 10.98 30.04
C GLY A 198 -8.31 10.35 28.69
N TYR A 199 -8.87 10.93 27.62
CA TYR A 199 -8.66 10.56 26.23
C TYR A 199 -7.40 11.18 25.58
N SER A 200 -6.84 12.19 26.24
CA SER A 200 -5.73 12.95 25.64
C SER A 200 -4.41 12.42 26.23
N ILE A 201 -3.60 11.76 25.42
CA ILE A 201 -2.29 11.28 25.86
C ILE A 201 -1.30 12.44 25.74
N GLN A 202 -0.69 12.87 26.84
CA GLN A 202 0.29 13.96 26.80
C GLN A 202 1.67 13.33 26.65
N GLY A 203 2.26 13.46 25.47
CA GLY A 203 3.60 12.93 25.22
C GLY A 203 4.68 13.97 25.38
N SER A 204 5.89 13.47 25.60
CA SER A 204 7.11 14.25 25.78
C SER A 204 8.18 13.59 24.90
N ALA A 205 9.23 14.36 24.57
CA ALA A 205 10.32 13.82 23.76
C ALA A 205 10.85 12.55 24.43
N GLY A 206 11.05 11.52 23.64
CA GLY A 206 11.55 10.23 24.10
C GLY A 206 10.46 9.23 24.40
N ASN A 207 9.20 9.67 24.54
CA ASN A 207 8.16 8.69 24.81
C ASN A 207 7.83 7.84 23.60
N VAL A 208 7.30 6.63 23.83
CA VAL A 208 6.98 5.68 22.78
C VAL A 208 5.59 5.14 23.07
N ILE A 209 4.82 4.83 22.04
CA ILE A 209 3.53 4.15 22.22
C ILE A 209 3.66 2.69 21.82
N HIS A 210 3.11 1.79 22.62
CA HIS A 210 2.97 0.38 22.27
C HIS A 210 1.49 0.02 22.17
N LEU A 211 1.07 -0.70 21.13
CA LEU A 211 -0.35 -1.04 20.93
C LEU A 211 -0.46 -2.54 20.70
N ASN A 212 -1.42 -3.16 21.38
CA ASN A 212 -1.75 -4.58 21.18
C ASN A 212 -3.16 -4.59 20.63
N PHE A 213 -3.29 -4.73 19.31
CA PHE A 213 -4.60 -4.65 18.68
C PHE A 213 -5.44 -5.90 18.91
N THR A 214 -4.84 -7.04 19.23
CA THR A 214 -5.68 -8.23 19.52
C THR A 214 -6.39 -8.01 20.87
N ALA A 215 -5.65 -7.57 21.89
CA ALA A 215 -6.24 -7.33 23.21
C ALA A 215 -7.00 -6.02 23.22
N GLY A 216 -6.72 -5.07 22.34
CA GLY A 216 -7.34 -3.76 22.41
C GLY A 216 -6.74 -2.85 23.46
N THR A 217 -5.44 -2.98 23.76
CA THR A 217 -4.81 -2.23 24.84
C THR A 217 -3.53 -1.60 24.34
N GLY A 218 -3.04 -0.63 25.09
CA GLY A 218 -1.75 -0.01 24.73
C GLY A 218 -1.25 0.81 25.88
N GLU A 219 -0.04 1.33 25.69
CA GLU A 219 0.64 2.08 26.77
C GLU A 219 1.60 3.07 26.20
N LYS A 220 1.92 4.10 26.99
CA LYS A 220 3.00 5.05 26.67
C LYS A 220 4.17 4.74 27.58
N LYS A 221 5.37 4.53 27.07
CA LYS A 221 6.59 4.37 27.83
C LYS A 221 7.50 5.57 27.70
N LEU B 9 20.82 -23.61 -13.39
CA LEU B 9 19.85 -22.45 -13.55
C LEU B 9 20.09 -21.31 -12.58
N THR B 10 20.16 -20.12 -13.16
CA THR B 10 20.26 -18.89 -12.39
C THR B 10 19.07 -17.98 -12.74
N PRO B 11 18.79 -16.99 -11.87
CA PRO B 11 17.64 -16.12 -12.12
C PRO B 11 17.80 -15.43 -13.47
N PRO B 12 16.69 -15.13 -14.17
CA PRO B 12 16.76 -14.51 -15.50
C PRO B 12 17.35 -13.10 -15.48
N LYS B 13 18.07 -12.74 -16.54
CA LYS B 13 18.67 -11.41 -16.68
C LYS B 13 17.77 -10.36 -17.29
N THR B 14 16.74 -10.81 -17.99
CA THR B 14 15.78 -9.88 -18.60
C THR B 14 14.33 -10.34 -18.30
N MET B 15 13.39 -9.41 -18.48
CA MET B 15 11.99 -9.67 -18.27
C MET B 15 11.24 -8.68 -19.14
N PHE B 16 10.12 -9.10 -19.72
CA PHE B 16 9.30 -8.30 -20.62
C PHE B 16 7.84 -8.51 -20.27
N ILE B 17 6.99 -7.53 -20.58
CA ILE B 17 5.55 -7.67 -20.51
C ILE B 17 4.99 -7.34 -21.90
N VAL B 18 3.91 -8.02 -22.27
CA VAL B 18 3.24 -7.87 -23.55
C VAL B 18 1.76 -7.82 -23.24
N GLY B 19 0.98 -7.00 -23.91
CA GLY B 19 -0.45 -7.01 -23.68
C GLY B 19 -1.24 -5.86 -24.27
N SER B 20 -2.53 -5.91 -24.04
CA SER B 20 -3.49 -5.01 -24.69
C SER B 20 -3.29 -3.54 -24.32
N MET B 21 -2.82 -3.28 -23.11
CA MET B 21 -2.61 -1.89 -22.62
C MET B 21 -1.38 -1.29 -23.27
N LEU B 22 -0.52 -2.10 -23.88
CA LEU B 22 0.65 -1.58 -24.60
C LEU B 22 0.35 -1.46 -26.08
N ASP B 23 -0.38 -2.41 -26.65
CA ASP B 23 -0.72 -2.41 -28.06
C ASP B 23 -1.93 -3.32 -28.21
N THR B 24 -2.99 -2.92 -28.92
CA THR B 24 -4.15 -3.81 -29.04
C THR B 24 -3.79 -5.11 -29.75
N ASP B 25 -2.82 -5.09 -30.66
CA ASP B 25 -2.39 -6.30 -31.36
C ASP B 25 -1.24 -7.09 -30.71
N TRP B 26 -0.88 -6.73 -29.49
CA TRP B 26 0.14 -7.45 -28.72
C TRP B 26 1.47 -7.56 -29.45
N LYS B 27 1.85 -6.49 -30.15
CA LYS B 27 3.14 -6.46 -30.83
C LYS B 27 4.24 -5.81 -30.04
N VAL B 28 3.89 -5.09 -28.98
CA VAL B 28 4.84 -4.36 -28.17
C VAL B 28 5.27 -5.21 -26.95
N TRP B 29 6.56 -5.54 -26.90
CA TRP B 29 7.19 -6.20 -25.76
C TRP B 29 7.97 -5.17 -24.95
N LYS B 30 7.47 -4.79 -23.81
CA LYS B 30 8.11 -3.76 -23.03
C LYS B 30 9.15 -4.37 -22.10
N PRO B 31 10.40 -3.90 -22.15
CA PRO B 31 11.45 -4.47 -21.29
C PRO B 31 11.28 -3.85 -19.92
N MET B 32 11.45 -4.64 -18.85
CA MET B 32 11.35 -4.15 -17.49
C MET B 32 12.73 -3.82 -16.94
N ALA B 33 12.79 -2.80 -16.11
CA ALA B 33 14.01 -2.44 -15.39
C ALA B 33 14.40 -3.45 -14.34
N GLY B 34 15.67 -3.79 -14.18
CA GLY B 34 16.11 -4.66 -13.09
C GLY B 34 16.13 -3.92 -11.77
N VAL B 35 15.62 -4.53 -10.72
CA VAL B 35 15.74 -3.99 -9.38
C VAL B 35 17.22 -4.02 -9.01
N TYR B 36 17.77 -2.90 -8.52
CA TYR B 36 19.22 -2.87 -8.34
C TYR B 36 19.63 -3.83 -7.20
N GLY B 37 20.58 -4.69 -7.56
CA GLY B 37 21.18 -5.60 -6.60
C GLY B 37 20.37 -6.85 -6.27
N MET B 38 19.20 -6.99 -6.87
CA MET B 38 18.33 -8.17 -6.63
C MET B 38 18.16 -8.93 -7.92
N ASP B 39 18.99 -9.93 -8.09
CA ASP B 39 18.97 -10.74 -9.32
C ASP B 39 17.58 -11.32 -9.53
N GLY B 40 17.15 -11.28 -10.78
CA GLY B 40 15.86 -11.85 -11.18
C GLY B 40 14.64 -11.02 -10.78
N GLN B 41 14.80 -9.79 -10.28
CA GLN B 41 13.64 -8.97 -9.88
C GLN B 41 13.59 -7.77 -10.80
N PHE B 42 12.38 -7.38 -11.18
CA PHE B 42 12.18 -6.36 -12.22
C PHE B 42 10.94 -5.51 -11.96
N TYR B 43 10.88 -4.31 -12.53
CA TYR B 43 9.76 -3.40 -12.24
C TYR B 43 9.50 -2.52 -13.43
N SER B 44 8.25 -2.07 -13.61
CA SER B 44 7.89 -1.14 -14.66
CA SER B 44 7.88 -1.13 -14.66
C SER B 44 6.60 -0.43 -14.28
N MET B 45 6.55 0.89 -14.47
CA MET B 45 5.34 1.66 -14.25
C MET B 45 4.53 1.69 -15.55
N ILE B 46 3.30 1.17 -15.45
CA ILE B 46 2.49 0.92 -16.65
C ILE B 46 1.03 1.33 -16.35
N TYR B 47 0.39 1.95 -17.34
CA TYR B 47 -1.05 2.21 -17.25
C TYR B 47 -1.80 1.00 -17.80
N PHE B 48 -2.74 0.51 -16.99
CA PHE B 48 -3.62 -0.62 -17.38
C PHE B 48 -5.02 -0.10 -17.58
N ASP B 49 -5.54 -0.18 -18.80
CA ASP B 49 -6.94 0.09 -19.03
C ASP B 49 -7.82 -0.90 -18.24
N ALA B 50 -9.06 -0.54 -18.01
CA ALA B 50 -9.99 -1.50 -17.46
C ALA B 50 -10.01 -2.75 -18.31
N ASN B 51 -9.99 -3.92 -17.66
CA ASN B 51 -10.03 -5.21 -18.34
C ASN B 51 -8.89 -5.39 -19.33
N SER B 52 -7.73 -4.83 -19.09
CA SER B 52 -6.52 -5.14 -19.87
C SER B 52 -6.24 -6.61 -19.72
N GLU B 53 -5.55 -7.13 -20.73
CA GLU B 53 -5.02 -8.50 -20.72
C GLU B 53 -3.56 -8.51 -21.07
N PHE B 54 -2.77 -9.35 -20.40
CA PHE B 54 -1.34 -9.36 -20.63
C PHE B 54 -0.75 -10.74 -20.30
N LYS B 55 0.48 -10.93 -20.77
CA LYS B 55 1.38 -12.02 -20.33
C LYS B 55 2.74 -11.42 -20.10
N PHE B 56 3.67 -12.22 -19.58
CA PHE B 56 5.06 -11.74 -19.42
C PHE B 56 5.99 -12.84 -19.87
N GLY B 57 7.29 -12.53 -19.95
CA GLY B 57 8.24 -13.55 -20.33
C GLY B 57 9.65 -13.13 -19.99
N THR B 58 10.55 -14.10 -19.95
CA THR B 58 11.95 -13.81 -19.63
C THR B 58 12.70 -13.33 -20.88
N LYS B 59 12.07 -13.42 -22.04
CA LYS B 59 12.70 -12.99 -23.30
C LYS B 59 11.54 -12.64 -24.24
N GLU B 60 11.81 -11.80 -25.24
CA GLU B 60 10.75 -11.51 -26.18
C GLU B 60 10.27 -12.76 -26.87
N ASN B 61 8.96 -12.78 -27.05
CA ASN B 61 8.27 -13.88 -27.74
C ASN B 61 8.20 -15.16 -26.93
N GLU B 62 8.50 -15.01 -25.64
CA GLU B 62 8.19 -16.05 -24.66
C GLU B 62 7.01 -15.60 -23.81
N TYR B 63 6.00 -16.45 -23.76
CA TYR B 63 4.74 -16.12 -23.06
C TYR B 63 4.63 -16.97 -21.81
N ILE B 64 4.23 -16.28 -20.76
CA ILE B 64 3.94 -16.91 -19.45
C ILE B 64 2.63 -16.29 -18.98
N GLY B 65 1.65 -17.15 -18.73
CA GLY B 65 0.33 -16.71 -18.30
C GLY B 65 0.02 -17.11 -16.87
N ILE B 66 -1.24 -16.91 -16.52
CA ILE B 66 -1.68 -17.16 -15.14
C ILE B 66 -1.91 -18.66 -14.93
N ASN B 67 -2.15 -19.42 -16.00
CA ASN B 67 -2.38 -20.85 -15.94
C ASN B 67 -1.06 -21.61 -15.88
N ASP B 68 -0.29 -21.32 -14.85
CA ASP B 68 1.07 -21.85 -14.70
C ASP B 68 1.32 -22.02 -13.21
N ASN B 69 1.67 -23.22 -12.76
CA ASN B 69 1.85 -23.51 -11.33
C ASN B 69 3.07 -22.80 -10.77
N ARG B 70 3.96 -22.27 -11.58
CA ARG B 70 5.11 -21.52 -11.08
C ARG B 70 4.74 -20.08 -10.71
N VAL B 71 3.52 -19.61 -11.06
CA VAL B 71 3.17 -18.17 -10.95
C VAL B 71 2.24 -17.95 -9.77
N THR B 72 2.62 -16.97 -8.94
CA THR B 72 1.82 -16.45 -7.80
CA THR B 72 1.73 -16.48 -7.87
C THR B 72 1.55 -14.99 -8.14
N VAL B 73 0.32 -14.52 -7.91
CA VAL B 73 -0.05 -13.13 -8.09
C VAL B 73 -0.35 -12.52 -6.72
N THR B 74 0.25 -11.36 -6.47
CA THR B 74 0.00 -10.65 -5.20
C THR B 74 -0.46 -9.23 -5.56
N ASP B 75 -1.60 -8.81 -5.05
CA ASP B 75 -2.22 -7.53 -5.41
C ASP B 75 -2.12 -6.62 -4.15
N LYS B 76 -1.25 -5.62 -4.27
CA LYS B 76 -1.08 -4.63 -3.20
C LYS B 76 -1.58 -3.30 -3.70
N ALA B 77 -2.47 -3.27 -4.69
CA ALA B 77 -2.90 -2.00 -5.29
C ALA B 77 -4.36 -1.94 -5.59
N GLY B 78 -5.14 -2.96 -5.26
CA GLY B 78 -6.54 -2.95 -5.69
C GLY B 78 -6.66 -2.99 -7.21
N ALA B 79 -5.71 -3.65 -7.88
CA ALA B 79 -5.79 -3.76 -9.36
C ALA B 79 -6.90 -4.70 -9.80
N GLY B 80 -7.10 -5.80 -9.09
CA GLY B 80 -8.10 -6.84 -9.38
C GLY B 80 -7.57 -7.72 -10.51
N VAL B 81 -6.75 -8.72 -10.17
CA VAL B 81 -6.05 -9.51 -11.19
C VAL B 81 -6.63 -10.92 -11.20
N SER B 82 -7.08 -11.36 -12.38
CA SER B 82 -7.71 -12.68 -12.51
C SER B 82 -7.34 -13.21 -13.91
N GLY B 83 -8.06 -14.23 -14.32
CA GLY B 83 -7.90 -14.75 -15.70
C GLY B 83 -7.78 -16.25 -15.68
N SER B 84 -7.93 -16.81 -16.89
CA SER B 84 -7.84 -18.25 -17.12
C SER B 84 -6.56 -18.54 -17.90
N ASP B 85 -6.02 -17.60 -18.66
CA ASP B 85 -4.92 -17.89 -19.59
C ASP B 85 -4.13 -16.58 -19.59
N ASN B 86 -4.55 -15.55 -20.34
CA ASN B 86 -4.05 -14.20 -20.07
C ASN B 86 -4.33 -13.76 -18.64
N PHE B 87 -3.42 -12.95 -18.09
CA PHE B 87 -3.78 -12.20 -16.88
C PHE B 87 -4.77 -11.10 -17.28
N VAL B 88 -5.72 -10.78 -16.40
CA VAL B 88 -6.73 -9.74 -16.64
C VAL B 88 -6.70 -8.78 -15.48
N VAL B 89 -6.64 -7.48 -15.77
CA VAL B 89 -6.62 -6.43 -14.72
C VAL B 89 -7.95 -5.73 -14.79
N GLU B 90 -8.73 -5.74 -13.72
CA GLU B 90 -10.07 -5.21 -13.70
C GLU B 90 -10.10 -3.68 -13.65
N ASN B 91 -9.37 -3.10 -12.72
CA ASN B 91 -9.51 -1.67 -12.38
C ASN B 91 -8.51 -0.83 -13.14
N ALA B 92 -9.02 0.05 -14.00
CA ALA B 92 -8.13 0.94 -14.72
C ALA B 92 -7.22 1.71 -13.76
N GLY B 93 -5.98 1.90 -14.15
CA GLY B 93 -5.09 2.72 -13.31
C GLY B 93 -3.65 2.55 -13.73
N TRP B 94 -2.81 3.43 -13.18
CA TRP B 94 -1.36 3.22 -13.15
C TRP B 94 -1.03 2.22 -12.03
N TYR B 95 -0.14 1.29 -12.36
CA TYR B 95 0.36 0.37 -11.32
C TYR B 95 1.83 0.17 -11.61
N LEU B 96 2.57 -0.04 -10.53
CA LEU B 96 3.94 -0.55 -10.64
C LEU B 96 3.88 -2.08 -10.72
N PHE B 97 4.16 -2.56 -11.91
CA PHE B 97 4.19 -4.00 -12.19
C PHE B 97 5.53 -4.58 -11.81
N TYR B 98 5.57 -5.59 -10.95
CA TYR B 98 6.82 -6.05 -10.38
C TYR B 98 6.86 -7.56 -10.51
N VAL B 99 8.00 -8.07 -10.96
CA VAL B 99 8.20 -9.53 -11.12
C VAL B 99 9.41 -9.96 -10.32
N LYS B 100 9.27 -11.00 -9.51
CA LYS B 100 10.40 -11.68 -8.91
C LYS B 100 10.47 -13.07 -9.54
N ALA B 101 11.59 -13.43 -10.15
CA ALA B 101 11.79 -14.75 -10.73
C ALA B 101 12.95 -15.37 -9.95
N ALA B 102 12.62 -16.32 -9.08
CA ALA B 102 13.61 -17.03 -8.27
C ALA B 102 13.88 -18.40 -8.91
N VAL B 103 14.94 -19.09 -8.50
CA VAL B 103 15.15 -20.47 -8.96
C VAL B 103 14.84 -21.44 -7.83
N LYS B 104 13.97 -22.39 -8.14
CA LYS B 104 13.57 -23.42 -7.18
C LYS B 104 13.91 -24.75 -7.85
N GLY B 105 14.95 -25.43 -7.37
CA GLY B 105 15.36 -26.68 -8.01
C GLY B 105 15.90 -26.37 -9.40
N ASP B 106 15.27 -26.95 -10.41
CA ASP B 106 15.68 -26.73 -11.80
C ASP B 106 14.64 -25.93 -12.58
N ASP B 107 13.91 -25.08 -11.88
CA ASP B 107 12.91 -24.29 -12.58
C ASP B 107 12.76 -22.95 -11.87
N TYR B 108 12.03 -22.07 -12.53
CA TYR B 108 11.72 -20.79 -11.95
C TYR B 108 10.48 -20.80 -11.05
N GLN B 109 10.47 -19.87 -10.10
CA GLN B 109 9.30 -19.60 -9.28
C GLN B 109 9.01 -18.11 -9.40
N PHE B 110 7.87 -17.74 -9.96
CA PHE B 110 7.56 -16.34 -10.24
C PHE B 110 6.53 -15.79 -9.26
N THR B 111 6.80 -14.58 -8.78
CA THR B 111 5.80 -13.84 -8.01
C THR B 111 5.59 -12.53 -8.74
N ILE B 112 4.37 -12.25 -9.13
CA ILE B 112 3.97 -11.04 -9.82
C ILE B 112 3.24 -10.16 -8.81
N THR B 113 3.75 -8.96 -8.58
CA THR B 113 3.11 -8.06 -7.63
C THR B 113 2.61 -6.81 -8.32
N PHE B 114 1.41 -6.35 -7.99
CA PHE B 114 0.96 -5.03 -8.41
C PHE B 114 1.08 -4.10 -7.22
N TYR B 115 1.97 -3.10 -7.35
CA TYR B 115 2.10 -2.06 -6.37
C TYR B 115 1.33 -0.84 -6.78
N PRO B 116 0.88 0.00 -5.83
CA PRO B 116 0.26 1.27 -6.22
C PRO B 116 1.31 2.19 -6.90
N ALA B 117 0.81 3.15 -7.67
CA ALA B 117 1.71 3.99 -8.45
C ALA B 117 2.20 5.17 -7.59
N GLU B 118 3.26 4.96 -6.85
CA GLU B 118 3.73 5.92 -5.85
C GLU B 118 5.18 6.28 -6.13
N VAL B 119 5.33 7.49 -6.65
CA VAL B 119 6.63 8.08 -7.07
C VAL B 119 6.97 9.20 -6.11
N TYR B 120 8.25 9.30 -5.70
CA TYR B 120 8.63 10.28 -4.68
C TYR B 120 9.90 11.00 -5.12
N LEU B 121 9.99 12.25 -4.70
CA LEU B 121 11.25 12.96 -4.65
C LEU B 121 11.96 12.70 -3.35
N PHE B 122 13.25 12.41 -3.37
CA PHE B 122 14.11 12.16 -2.18
C PHE B 122 15.32 13.07 -2.31
N GLY B 123 15.92 13.38 -1.16
CA GLY B 123 17.29 13.88 -1.18
C GLY B 123 17.38 15.39 -0.97
N ASN B 124 18.50 15.93 -1.42
CA ASN B 124 18.83 17.34 -1.04
C ASN B 124 17.78 18.33 -1.55
N THR B 125 17.12 18.09 -2.68
CA THR B 125 16.18 19.10 -3.15
C THR B 125 14.86 19.17 -2.41
N THR B 126 14.69 18.22 -1.48
CA THR B 126 13.54 18.19 -0.57
C THR B 126 13.95 18.70 0.81
N GLY B 127 15.17 19.18 0.96
CA GLY B 127 15.63 19.64 2.28
C GLY B 127 16.16 18.49 3.09
N GLY B 128 16.41 17.34 2.46
CA GLY B 128 17.02 16.18 3.15
C GLY B 128 16.06 15.06 3.50
N SER B 129 14.93 14.92 2.84
CA SER B 129 14.06 13.76 3.09
C SER B 129 14.64 12.54 2.38
N TRP B 130 14.89 11.50 3.17
CA TRP B 130 15.30 10.22 2.63
C TRP B 130 14.31 9.14 3.02
N ALA B 131 13.05 9.53 3.19
CA ALA B 131 11.97 8.67 3.65
C ALA B 131 10.76 8.81 2.76
N PHE B 132 9.91 7.79 2.74
CA PHE B 132 8.65 7.88 2.02
C PHE B 132 7.74 8.77 2.82
N ASN B 133 7.39 9.89 2.22
CA ASN B 133 6.64 10.98 2.88
C ASN B 133 5.68 11.48 1.83
N ASP B 134 4.37 11.45 2.07
CA ASP B 134 3.38 11.86 1.08
C ASP B 134 3.54 13.34 0.71
N GLU B 135 4.22 14.15 1.49
CA GLU B 135 4.47 15.53 1.09
C GLU B 135 5.37 15.57 -0.16
N TRP B 136 6.14 14.52 -0.45
CA TRP B 136 7.06 14.43 -1.58
C TRP B 136 6.61 13.45 -2.63
N LYS B 137 5.34 13.02 -2.56
CA LYS B 137 4.77 12.10 -3.52
C LYS B 137 4.34 12.89 -4.78
N PHE B 138 4.59 12.32 -5.95
CA PHE B 138 4.14 12.93 -7.23
C PHE B 138 2.63 12.78 -7.39
N THR B 139 1.99 13.69 -8.09
CA THR B 139 0.59 13.46 -8.49
C THR B 139 0.57 12.38 -9.57
N VAL B 140 -0.55 11.67 -9.66
CA VAL B 140 -0.75 10.56 -10.58
C VAL B 140 -1.72 11.02 -11.65
N PRO B 141 -1.33 10.92 -12.94
CA PRO B 141 -2.26 11.39 -14.00
C PRO B 141 -3.41 10.43 -14.20
N ALA B 142 -4.49 10.95 -14.75
CA ALA B 142 -5.71 10.17 -14.94
C ALA B 142 -5.62 9.21 -16.12
N THR B 143 -4.70 9.49 -17.06
CA THR B 143 -4.69 8.75 -18.32
C THR B 143 -3.33 8.17 -18.65
N LYS B 144 -3.28 7.30 -19.65
CA LYS B 144 -2.08 6.66 -20.12
C LYS B 144 -1.02 7.63 -20.60
N ASP B 145 -1.42 8.76 -21.19
CA ASP B 145 -0.41 9.64 -21.77
C ASP B 145 -0.09 10.85 -20.90
N GLY B 146 -0.63 10.89 -19.68
CA GLY B 146 -0.40 12.05 -18.80
C GLY B 146 0.92 11.89 -18.06
N ASN B 147 1.23 12.94 -17.32
CA ASN B 147 2.47 13.03 -16.55
C ASN B 147 2.28 12.85 -15.03
N PHE B 148 3.21 12.18 -14.38
CA PHE B 148 3.36 12.32 -12.93
C PHE B 148 4.11 13.64 -12.64
N VAL B 149 3.68 14.39 -11.64
CA VAL B 149 4.31 15.73 -11.42
C VAL B 149 4.75 15.81 -9.99
N SER B 150 5.97 16.23 -9.75
CA SER B 150 6.46 16.38 -8.37
C SER B 150 5.94 17.59 -7.68
N PRO B 151 6.00 17.66 -6.34
CA PRO B 151 5.95 18.94 -5.68
C PRO B 151 7.15 19.79 -6.06
N ALA B 152 7.09 21.08 -5.77
CA ALA B 152 8.21 22.00 -5.98
C ALA B 152 9.34 21.69 -5.02
N MET B 153 10.55 21.66 -5.54
CA MET B 153 11.75 21.49 -4.70
C MET B 153 11.85 22.63 -3.72
N THR B 154 12.34 22.32 -2.51
CA THR B 154 12.52 23.34 -1.47
C THR B 154 13.98 23.75 -1.29
N ALA B 155 14.91 23.08 -1.99
CA ALA B 155 16.31 23.40 -1.85
C ALA B 155 16.98 22.98 -3.15
N SER B 156 18.21 23.40 -3.37
CA SER B 156 19.01 23.01 -4.51
C SER B 156 19.78 21.73 -4.22
N GLY B 157 20.23 21.05 -5.28
CA GLY B 157 21.05 19.85 -5.11
C GLY B 157 20.65 18.83 -6.17
N GLU B 158 21.25 17.65 -5.97
CA GLU B 158 21.01 16.56 -6.92
C GLU B 158 19.59 15.96 -6.74
N VAL B 159 18.80 15.87 -7.80
CA VAL B 159 17.51 15.23 -7.70
C VAL B 159 17.67 13.70 -7.50
N ARG B 160 16.88 13.12 -6.60
CA ARG B 160 16.75 11.64 -6.47
C ARG B 160 15.24 11.41 -6.54
N MET B 161 14.88 10.30 -7.18
CA MET B 161 13.47 9.97 -7.41
C MET B 161 13.35 8.48 -7.43
N CYS B 162 12.23 7.98 -6.91
CA CYS B 162 12.08 6.53 -6.81
C CYS B 162 10.62 6.13 -6.76
N PHE B 163 10.41 4.82 -6.94
CA PHE B 163 9.13 4.17 -6.64
C PHE B 163 9.19 3.53 -5.29
N LYS B 164 8.06 3.40 -4.60
CA LYS B 164 7.91 2.69 -3.33
C LYS B 164 7.51 1.24 -3.57
N THR B 165 8.28 0.36 -2.97
CA THR B 165 8.02 -1.09 -3.00
C THR B 165 8.21 -1.64 -1.58
N ASP B 166 8.28 -2.95 -1.38
CA ASP B 166 8.64 -3.49 -0.06
C ASP B 166 10.15 -3.47 0.22
N LEU B 167 10.94 -3.08 -0.77
CA LEU B 167 12.41 -3.05 -0.58
C LEU B 167 12.88 -1.64 -0.24
N ASP B 168 14.19 -1.52 0.00
CA ASP B 168 14.78 -0.19 0.15
C ASP B 168 14.46 0.68 -1.09
N TRP B 169 14.25 1.97 -0.83
CA TRP B 169 13.85 2.91 -1.89
C TRP B 169 14.80 2.92 -3.09
N TRP B 170 16.09 2.81 -2.77
CA TRP B 170 17.14 3.01 -3.77
C TRP B 170 17.29 1.79 -4.68
N ARG B 171 16.58 0.69 -4.40
CA ARG B 171 16.58 -0.43 -5.32
C ARG B 171 15.68 -0.19 -6.52
N THR B 172 14.82 0.84 -6.46
CA THR B 172 13.98 1.21 -7.59
C THR B 172 13.97 2.72 -7.79
N GLU B 173 15.15 3.24 -8.11
CA GLU B 173 15.31 4.70 -8.29
C GLU B 173 15.84 5.01 -9.70
N PHE B 174 15.66 6.28 -10.08
CA PHE B 174 15.87 6.63 -11.50
C PHE B 174 16.21 8.12 -11.62
N THR B 175 16.69 8.53 -12.79
CA THR B 175 17.04 9.90 -13.12
C THR B 175 16.58 10.18 -14.56
N LEU B 176 17.00 11.34 -15.07
CA LEU B 176 16.79 11.67 -16.49
C LEU B 176 18.16 11.72 -17.14
N HIS B 177 18.24 11.21 -18.37
CA HIS B 177 19.46 11.20 -19.15
C HIS B 177 19.05 11.45 -20.61
N ASP B 178 19.43 12.60 -21.15
CA ASP B 178 19.08 12.96 -22.52
C ASP B 178 17.56 12.92 -22.73
N GLY B 179 16.86 13.37 -21.69
CA GLY B 179 15.39 13.47 -21.77
C GLY B 179 14.66 12.19 -21.45
N GLU B 180 15.34 11.06 -21.29
CA GLU B 180 14.71 9.78 -21.07
C GLU B 180 14.83 9.40 -19.60
N ILE B 181 13.84 8.70 -19.09
CA ILE B 181 13.94 8.16 -17.76
C ILE B 181 14.93 6.98 -17.74
N PHE B 182 15.92 7.07 -16.84
CA PHE B 182 17.02 6.12 -16.79
C PHE B 182 17.00 5.47 -15.41
N TYR B 183 16.80 4.16 -15.40
CA TYR B 183 16.72 3.41 -14.17
C TYR B 183 18.10 2.99 -13.67
N ARG B 184 18.33 3.15 -12.34
CA ARG B 184 19.64 2.84 -11.77
C ARG B 184 20.05 1.39 -12.08
N ASP B 185 21.26 1.21 -12.54
CA ASP B 185 21.74 -0.10 -13.00
C ASP B 185 23.16 -0.34 -12.48
N PHE B 186 23.56 0.38 -11.41
CA PHE B 186 24.92 0.26 -10.87
C PHE B 186 24.83 0.65 -9.39
N ASN B 187 25.95 0.41 -8.72
CA ASN B 187 26.03 0.73 -7.26
C ASN B 187 26.30 2.22 -7.07
N LEU B 188 25.26 3.02 -7.08
CA LEU B 188 25.27 4.45 -6.82
C LEU B 188 25.42 4.60 -5.30
N ILE B 189 26.57 5.04 -4.84
CA ILE B 189 26.84 5.16 -3.40
C ILE B 189 26.35 6.49 -2.88
N ASP B 190 26.84 7.58 -3.46
CA ASP B 190 26.51 8.91 -3.00
C ASP B 190 25.76 9.71 -4.02
N SER B 191 26.17 9.69 -5.28
CA SER B 191 25.63 10.61 -6.31
C SER B 191 25.58 9.90 -7.66
N TRP B 192 24.59 10.32 -8.45
CA TRP B 192 24.53 9.95 -9.87
C TRP B 192 25.77 10.34 -10.69
N THR B 193 26.56 11.30 -10.23
CA THR B 193 27.78 11.66 -10.97
C THR B 193 28.75 10.48 -11.03
N GLU B 194 28.59 9.48 -10.15
CA GLU B 194 29.41 8.29 -10.25
C GLU B 194 29.16 7.52 -11.54
N LYS B 195 28.02 7.70 -12.19
CA LYS B 195 27.70 7.02 -13.47
C LYS B 195 28.43 7.67 -14.62
N GLY B 196 28.90 8.89 -14.44
CA GLY B 196 29.52 9.67 -15.53
C GLY B 196 28.68 10.91 -15.80
N ASP B 197 29.05 11.69 -16.80
CA ASP B 197 28.33 12.93 -17.15
C ASP B 197 26.91 12.64 -17.64
N GLY B 198 26.00 13.56 -17.37
CA GLY B 198 24.67 13.53 -17.99
C GLY B 198 23.63 12.73 -17.26
N TYR B 199 23.87 12.38 -16.00
CA TYR B 199 22.89 11.64 -15.19
C TYR B 199 22.44 12.41 -13.96
N SER B 200 23.27 13.25 -13.37
CA SER B 200 22.89 14.00 -12.16
C SER B 200 22.11 15.23 -12.58
N ILE B 201 20.86 15.32 -12.12
CA ILE B 201 20.05 16.54 -12.38
C ILE B 201 20.27 17.52 -11.23
N GLN B 202 20.72 18.73 -11.54
CA GLN B 202 20.92 19.75 -10.49
C GLN B 202 19.67 20.58 -10.41
N GLY B 203 18.93 20.32 -9.34
CA GLY B 203 17.71 21.08 -9.11
C GLY B 203 17.92 22.35 -8.34
N SER B 204 17.00 23.27 -8.56
CA SER B 204 16.91 24.54 -7.81
C SER B 204 15.59 24.53 -7.05
N ALA B 205 15.55 25.21 -5.89
CA ALA B 205 14.28 25.45 -5.22
C ALA B 205 13.25 26.07 -6.15
N GLY B 206 12.05 25.51 -6.17
CA GLY B 206 11.01 25.95 -7.10
C GLY B 206 10.87 25.04 -8.33
N ASN B 207 11.91 24.26 -8.66
CA ASN B 207 11.79 23.38 -9.86
C ASN B 207 10.80 22.26 -9.57
N VAL B 208 10.24 21.70 -10.65
CA VAL B 208 9.29 20.57 -10.61
C VAL B 208 9.72 19.54 -11.67
N ILE B 209 9.58 18.27 -11.36
CA ILE B 209 9.86 17.20 -12.32
C ILE B 209 8.52 16.75 -12.91
N HIS B 210 8.45 16.57 -14.24
CA HIS B 210 7.31 15.95 -14.95
C HIS B 210 7.78 14.69 -15.63
N LEU B 211 7.11 13.55 -15.41
CA LEU B 211 7.49 12.23 -15.93
C LEU B 211 6.37 11.66 -16.76
N ASN B 212 6.69 11.20 -17.96
CA ASN B 212 5.72 10.47 -18.80
C ASN B 212 6.20 9.01 -18.90
N PHE B 213 5.66 8.14 -18.06
CA PHE B 213 6.11 6.76 -18.02
C PHE B 213 5.73 5.95 -19.24
N THR B 214 4.71 6.32 -19.99
CA THR B 214 4.36 5.55 -21.20
C THR B 214 5.45 5.85 -22.25
N ALA B 215 5.80 7.12 -22.46
CA ALA B 215 6.83 7.44 -23.43
C ALA B 215 8.24 7.15 -22.88
N GLY B 216 8.40 7.06 -21.57
CA GLY B 216 9.72 6.94 -20.96
C GLY B 216 10.57 8.19 -20.97
N THR B 217 9.94 9.35 -20.84
CA THR B 217 10.61 10.64 -20.97
C THR B 217 10.24 11.49 -19.77
N GLY B 218 11.04 12.51 -19.51
CA GLY B 218 10.67 13.47 -18.46
C GLY B 218 11.49 14.71 -18.59
N GLU B 219 11.15 15.71 -17.78
CA GLU B 219 11.84 16.98 -17.78
C GLU B 219 11.70 17.71 -16.46
N LYS B 220 12.68 18.58 -16.21
CA LYS B 220 12.60 19.48 -15.05
C LYS B 220 12.28 20.84 -15.55
N LYS B 221 11.32 21.49 -14.91
CA LYS B 221 10.88 22.85 -15.21
C LYS B 221 11.26 23.73 -14.04
#